data_2ISQ
#
_entry.id   2ISQ
#
_cell.length_a   104.860
_cell.length_b   104.860
_cell.length_c   99.315
_cell.angle_alpha   90.00
_cell.angle_beta   90.00
_cell.angle_gamma   90.00
#
_symmetry.space_group_name_H-M   'P 43 21 2'
#
loop_
_entity.id
_entity.type
_entity.pdbx_description
1 polymer 'Cysteine synthase'
2 polymer 'Serine acetyltransferase 1'
3 non-polymer 'SULFATE ION'
4 non-polymer "PYRIDOXAL-5'-PHOSPHATE"
5 water water
#
loop_
_entity_poly.entity_id
_entity_poly.type
_entity_poly.pdbx_seq_one_letter_code
_entity_poly.pdbx_strand_id
1 'polypeptide(L)'
;SRIAKDVTELIGNTPLVYLNNVAEGCVGRVAAKLEMMEPCSSVKDRIGFSMISDAEKKGLIKPGESVLIEPTSGNTGVGL
AFTAAAKGYKLIITMPASMSTERRIILLAFGVELVLTDPAKGMKGAIAKAEEILAKTPNGYMLQQFENPANPKIHYETTG
PEIWKGTGGKIDGFVSGIGTGGTITGAGKYLKEQNANVKLYGVEPVESAILSGGKPGPHKIQGIGAGFIPSVLNVDLIDE
VVQVSSDESIDMARQLALKEGLLVGISSGAAAAAAIKLAQRPENAGKLFVAIFPSFGERYLSTVLFDATRKEAEAMTFEA
;
A
2 'polypeptide(L)' TEWSDYVI B
#
loop_
_chem_comp.id
_chem_comp.type
_chem_comp.name
_chem_comp.formula
PLP non-polymer PYRIDOXAL-5'-PHOSPHATE 'C8 H10 N O6 P'
SO4 non-polymer 'SULFATE ION' 'O4 S -2'
#
# COMPACT_ATOMS: atom_id res chain seq x y z
N SER A 1 13.47 -17.67 -20.17
CA SER A 1 12.14 -17.16 -19.70
C SER A 1 10.97 -18.05 -20.14
N ARG A 2 9.79 -17.78 -19.58
CA ARG A 2 8.57 -18.52 -19.91
C ARG A 2 7.35 -17.59 -19.98
N ILE A 3 6.19 -18.16 -20.32
CA ILE A 3 4.96 -17.38 -20.43
C ILE A 3 4.04 -17.62 -19.25
N ALA A 4 3.55 -16.54 -18.66
CA ALA A 4 2.66 -16.64 -17.52
C ALA A 4 1.34 -17.29 -17.90
N LYS A 5 0.88 -18.20 -17.05
CA LYS A 5 -0.39 -18.88 -17.28
C LYS A 5 -1.49 -17.83 -17.29
N ASP A 6 -1.33 -16.84 -16.42
CA ASP A 6 -2.30 -15.77 -16.31
C ASP A 6 -1.72 -14.61 -15.52
N VAL A 7 -2.45 -13.49 -15.52
CA VAL A 7 -2.00 -12.29 -14.85
C VAL A 7 -1.52 -12.49 -13.42
N THR A 8 -2.12 -13.44 -12.69
CA THR A 8 -1.74 -13.69 -11.30
C THR A 8 -0.30 -14.17 -11.14
N GLU A 9 0.26 -14.78 -12.18
CA GLU A 9 1.64 -15.24 -12.09
C GLU A 9 2.61 -14.10 -12.38
N LEU A 10 2.05 -12.92 -12.63
CA LEU A 10 2.83 -11.71 -12.93
C LEU A 10 3.02 -10.85 -11.68
N ILE A 11 2.36 -11.22 -10.60
CA ILE A 11 2.44 -10.49 -9.34
C ILE A 11 3.80 -10.66 -8.65
N GLY A 12 4.21 -9.66 -7.89
CA GLY A 12 5.47 -9.74 -7.19
C GLY A 12 6.72 -9.55 -8.01
N ASN A 13 7.85 -9.92 -7.43
CA ASN A 13 9.16 -9.81 -8.08
C ASN A 13 9.44 -8.42 -8.61
N THR A 14 8.97 -7.40 -7.88
CA THR A 14 9.19 -6.02 -8.29
C THR A 14 10.65 -5.63 -8.10
N PRO A 15 11.15 -4.72 -8.96
CA PRO A 15 12.52 -4.19 -8.98
C PRO A 15 12.95 -3.29 -7.82
N LEU A 16 14.26 -3.16 -7.68
CA LEU A 16 14.87 -2.34 -6.65
C LEU A 16 15.70 -1.29 -7.40
N VAL A 17 15.57 -0.03 -7.01
CA VAL A 17 16.32 1.04 -7.65
C VAL A 17 16.90 1.98 -6.61
N TYR A 18 18.08 2.52 -6.89
CA TYR A 18 18.73 3.44 -5.95
C TYR A 18 18.20 4.84 -6.13
N LEU A 19 18.04 5.55 -5.01
CA LEU A 19 17.60 6.94 -5.03
C LEU A 19 18.89 7.74 -5.13
N ASN A 20 19.00 8.55 -6.18
CA ASN A 20 20.24 9.28 -6.37
C ASN A 20 20.31 10.72 -5.91
N ASN A 21 19.63 11.63 -6.59
CA ASN A 21 19.71 13.03 -6.18
C ASN A 21 18.78 13.51 -5.08
N VAL A 22 17.79 12.71 -4.75
CA VAL A 22 16.85 13.07 -3.68
C VAL A 22 17.49 12.68 -2.36
N ALA A 23 18.43 11.75 -2.43
CA ALA A 23 19.11 11.26 -1.25
C ALA A 23 20.35 12.10 -0.92
N GLU A 24 20.41 13.31 -1.45
CA GLU A 24 21.55 14.18 -1.19
C GLU A 24 21.73 14.38 0.31
N GLY A 25 22.97 14.22 0.78
CA GLY A 25 23.28 14.37 2.19
C GLY A 25 23.31 13.05 2.96
N CYS A 26 22.90 11.98 2.30
CA CYS A 26 22.89 10.68 2.96
C CYS A 26 24.26 10.05 2.98
N VAL A 27 24.62 9.45 4.11
CA VAL A 27 25.89 8.75 4.24
C VAL A 27 25.48 7.29 4.10
N GLY A 28 24.18 7.06 4.31
CA GLY A 28 23.62 5.74 4.15
C GLY A 28 23.19 5.66 2.70
N ARG A 29 22.66 4.52 2.30
CA ARG A 29 22.25 4.30 0.93
C ARG A 29 20.78 3.89 0.90
N VAL A 30 20.00 4.47 -0.02
CA VAL A 30 18.58 4.12 -0.10
C VAL A 30 18.15 3.53 -1.43
N ALA A 31 17.57 2.33 -1.36
CA ALA A 31 17.05 1.62 -2.53
C ALA A 31 15.55 1.53 -2.36
N ALA A 32 14.82 1.80 -3.43
CA ALA A 32 13.36 1.76 -3.40
C ALA A 32 12.82 0.49 -4.05
N LYS A 33 11.93 -0.20 -3.36
CA LYS A 33 11.30 -1.42 -3.87
C LYS A 33 10.05 -0.95 -4.60
N LEU A 34 10.13 -0.91 -5.92
CA LEU A 34 9.03 -0.41 -6.73
C LEU A 34 7.79 -1.30 -6.88
N GLU A 35 6.89 -1.24 -5.90
CA GLU A 35 5.66 -2.03 -5.95
C GLU A 35 4.73 -1.36 -6.94
N MET A 36 5.11 -0.18 -7.37
CA MET A 36 4.35 0.59 -8.34
C MET A 36 4.40 -0.16 -9.66
N MET A 37 5.33 -1.11 -9.77
CA MET A 37 5.51 -1.91 -10.98
C MET A 37 4.70 -3.20 -10.94
N GLU A 38 3.79 -3.31 -9.97
CA GLU A 38 2.96 -4.51 -9.89
C GLU A 38 2.02 -4.47 -11.08
N PRO A 39 1.43 -5.63 -11.45
CA PRO A 39 0.52 -5.63 -12.61
C PRO A 39 -0.47 -4.47 -12.61
N CYS A 40 -0.98 -4.13 -11.42
CA CYS A 40 -1.93 -3.03 -11.29
C CYS A 40 -1.41 -1.84 -10.48
N SER A 41 -0.13 -1.55 -10.61
CA SER A 41 0.49 -0.40 -9.96
C SER A 41 0.68 -0.35 -8.44
N SER A 42 0.15 -1.30 -7.67
CA SER A 42 0.37 -1.23 -6.21
C SER A 42 0.73 -2.54 -5.53
N VAL A 43 1.17 -2.42 -4.28
CA VAL A 43 1.56 -3.55 -3.46
C VAL A 43 0.39 -4.48 -3.14
N LYS A 44 -0.83 -3.95 -3.19
CA LYS A 44 -2.01 -4.74 -2.87
C LYS A 44 -2.30 -5.81 -3.89
N ASP A 45 -1.61 -5.77 -5.01
CA ASP A 45 -1.82 -6.80 -6.02
C ASP A 45 -1.36 -8.09 -5.40
N ARG A 46 -0.47 -7.98 -4.41
CA ARG A 46 0.07 -9.12 -3.71
C ARG A 46 -0.97 -9.75 -2.78
N ILE A 47 -1.50 -8.97 -1.85
CA ILE A 47 -2.47 -9.49 -0.91
C ILE A 47 -3.83 -9.72 -1.56
N GLY A 48 -4.09 -9.03 -2.67
CA GLY A 48 -5.34 -9.23 -3.35
C GLY A 48 -5.40 -10.70 -3.74
N PHE A 49 -4.31 -11.17 -4.34
CA PHE A 49 -4.21 -12.56 -4.76
C PHE A 49 -4.08 -13.51 -3.58
N SER A 50 -3.15 -13.21 -2.69
CA SER A 50 -2.93 -14.07 -1.53
C SER A 50 -4.19 -14.39 -0.76
N MET A 51 -4.95 -13.37 -0.38
CA MET A 51 -6.17 -13.61 0.40
C MET A 51 -7.17 -14.47 -0.34
N ILE A 52 -7.28 -14.29 -1.65
CA ILE A 52 -8.19 -15.08 -2.47
C ILE A 52 -7.66 -16.51 -2.46
N SER A 53 -6.47 -16.65 -3.01
CA SER A 53 -5.79 -17.92 -3.12
C SER A 53 -5.80 -18.76 -1.84
N ASP A 54 -5.53 -18.13 -0.70
CA ASP A 54 -5.50 -18.85 0.55
C ASP A 54 -6.87 -19.41 0.93
N ALA A 55 -7.92 -18.70 0.55
CA ALA A 55 -9.27 -19.15 0.83
C ALA A 55 -9.59 -20.35 -0.06
N GLU A 56 -9.23 -20.24 -1.33
CA GLU A 56 -9.47 -21.33 -2.28
C GLU A 56 -8.84 -22.59 -1.76
N LYS A 57 -7.54 -22.50 -1.49
CA LYS A 57 -6.77 -23.63 -0.99
C LYS A 57 -7.40 -24.20 0.29
N LYS A 58 -7.81 -23.33 1.22
CA LYS A 58 -8.46 -23.82 2.44
C LYS A 58 -9.90 -24.27 2.14
N GLY A 59 -10.24 -24.34 0.85
CA GLY A 59 -11.56 -24.79 0.44
C GLY A 59 -12.74 -23.92 0.83
N LEU A 60 -12.44 -22.75 1.39
CA LEU A 60 -13.46 -21.82 1.84
C LEU A 60 -14.21 -21.12 0.71
N ILE A 61 -13.61 -21.06 -0.48
CA ILE A 61 -14.25 -20.40 -1.61
C ILE A 61 -14.11 -21.16 -2.93
N LYS A 62 -15.08 -20.97 -3.81
CA LYS A 62 -15.09 -21.59 -5.14
C LYS A 62 -15.51 -20.56 -6.17
N PRO A 63 -14.73 -20.42 -7.26
CA PRO A 63 -15.05 -19.46 -8.31
C PRO A 63 -16.49 -19.64 -8.79
N GLY A 64 -17.14 -18.54 -9.12
CA GLY A 64 -18.51 -18.64 -9.61
C GLY A 64 -19.51 -19.17 -8.61
N GLU A 65 -19.08 -19.37 -7.37
CA GLU A 65 -19.98 -19.85 -6.34
C GLU A 65 -19.94 -18.84 -5.21
N SER A 66 -18.73 -18.56 -4.74
CA SER A 66 -18.50 -17.62 -3.65
C SER A 66 -18.59 -16.18 -4.13
N VAL A 67 -18.99 -15.28 -3.23
CA VAL A 67 -19.10 -13.87 -3.55
C VAL A 67 -18.18 -13.08 -2.63
N LEU A 68 -17.07 -12.62 -3.18
CA LEU A 68 -16.08 -11.87 -2.41
C LEU A 68 -16.60 -10.49 -2.06
N ILE A 69 -16.45 -10.12 -0.81
CA ILE A 69 -16.92 -8.83 -0.32
C ILE A 69 -15.83 -8.18 0.52
N GLU A 70 -15.59 -6.89 0.31
CA GLU A 70 -14.56 -6.19 1.07
C GLU A 70 -14.74 -4.68 1.01
N PRO A 71 -14.68 -4.02 2.17
CA PRO A 71 -14.83 -2.57 2.27
C PRO A 71 -13.47 -1.91 2.08
N THR A 72 -13.34 -1.13 1.02
CA THR A 72 -12.06 -0.49 0.74
C THR A 72 -12.11 0.50 -0.41
N SER A 73 -11.72 1.73 -0.11
CA SER A 73 -11.69 2.77 -1.11
C SER A 73 -10.22 2.94 -1.49
N GLY A 74 -9.43 1.91 -1.21
CA GLY A 74 -8.02 1.95 -1.51
C GLY A 74 -7.55 0.95 -2.57
N ASN A 75 -6.24 0.74 -2.63
CA ASN A 75 -5.64 -0.17 -3.59
C ASN A 75 -6.07 -1.62 -3.42
N THR A 76 -6.54 -1.99 -2.24
CA THR A 76 -6.99 -3.37 -2.04
C THR A 76 -8.16 -3.71 -2.95
N GLY A 77 -8.99 -2.70 -3.24
CA GLY A 77 -10.10 -2.92 -4.13
C GLY A 77 -9.59 -3.39 -5.48
N VAL A 78 -8.64 -2.66 -6.04
CA VAL A 78 -8.07 -3.01 -7.33
C VAL A 78 -7.36 -4.36 -7.27
N GLY A 79 -6.48 -4.53 -6.29
CA GLY A 79 -5.78 -5.80 -6.14
C GLY A 79 -6.74 -6.96 -6.24
N LEU A 80 -7.75 -6.97 -5.38
CA LEU A 80 -8.75 -8.03 -5.38
C LEU A 80 -9.45 -8.13 -6.71
N ALA A 81 -9.88 -6.97 -7.21
CA ALA A 81 -10.61 -6.88 -8.46
C ALA A 81 -9.95 -7.61 -9.62
N PHE A 82 -8.78 -7.13 -10.05
CA PHE A 82 -8.13 -7.76 -11.19
C PHE A 82 -7.91 -9.24 -10.96
N THR A 83 -7.63 -9.64 -9.72
CA THR A 83 -7.43 -11.06 -9.39
C THR A 83 -8.74 -11.85 -9.42
N ALA A 84 -9.82 -11.23 -8.97
CA ALA A 84 -11.12 -11.89 -8.98
C ALA A 84 -11.54 -12.06 -10.44
N ALA A 85 -11.24 -11.05 -11.24
CA ALA A 85 -11.56 -11.07 -12.67
C ALA A 85 -10.91 -12.26 -13.35
N ALA A 86 -9.59 -12.37 -13.18
CA ALA A 86 -8.84 -13.46 -13.79
C ALA A 86 -9.31 -14.83 -13.29
N LYS A 87 -9.59 -14.93 -11.99
CA LYS A 87 -10.02 -16.21 -11.40
C LYS A 87 -11.50 -16.54 -11.51
N GLY A 88 -12.32 -15.55 -11.87
CA GLY A 88 -13.74 -15.80 -12.02
C GLY A 88 -14.53 -15.78 -10.74
N TYR A 89 -14.36 -14.71 -9.95
CA TYR A 89 -15.06 -14.54 -8.68
C TYR A 89 -15.84 -13.25 -8.72
N LYS A 90 -17.06 -13.27 -8.19
CA LYS A 90 -17.85 -12.06 -8.15
C LYS A 90 -17.31 -11.24 -6.99
N LEU A 91 -16.97 -9.99 -7.23
CA LEU A 91 -16.44 -9.16 -6.17
C LEU A 91 -17.33 -7.95 -5.91
N ILE A 92 -17.59 -7.69 -4.64
CA ILE A 92 -18.40 -6.58 -4.21
C ILE A 92 -17.50 -5.69 -3.38
N ILE A 93 -17.45 -4.41 -3.71
CA ILE A 93 -16.61 -3.48 -2.98
C ILE A 93 -17.45 -2.34 -2.42
N THR A 94 -17.19 -1.99 -1.17
CA THR A 94 -17.91 -0.90 -0.53
C THR A 94 -16.93 0.21 -0.21
N MET A 95 -17.38 1.45 -0.36
CA MET A 95 -16.55 2.60 -0.09
C MET A 95 -17.39 3.86 -0.05
N PRO A 96 -16.99 4.85 0.75
CA PRO A 96 -17.75 6.09 0.83
C PRO A 96 -17.96 6.66 -0.56
N ALA A 97 -19.17 7.11 -0.83
CA ALA A 97 -19.48 7.69 -2.12
C ALA A 97 -18.49 8.82 -2.41
N SER A 98 -17.93 9.40 -1.36
CA SER A 98 -16.98 10.48 -1.50
C SER A 98 -15.89 10.16 -2.52
N MET A 99 -15.23 9.03 -2.33
CA MET A 99 -14.15 8.58 -3.20
C MET A 99 -14.40 8.96 -4.67
N SER A 100 -13.50 9.82 -5.18
CA SER A 100 -13.56 10.32 -6.56
C SER A 100 -13.97 9.30 -7.62
N THR A 101 -14.53 9.82 -8.71
CA THR A 101 -15.00 9.00 -9.82
C THR A 101 -13.97 8.02 -10.36
N GLU A 102 -12.83 8.54 -10.80
CA GLU A 102 -11.76 7.71 -11.36
C GLU A 102 -11.51 6.40 -10.61
N ARG A 103 -11.65 6.43 -9.29
CA ARG A 103 -11.42 5.25 -8.48
C ARG A 103 -12.50 4.18 -8.64
N ARG A 104 -13.62 4.55 -9.25
CA ARG A 104 -14.72 3.62 -9.47
C ARG A 104 -14.61 3.08 -10.89
N ILE A 105 -14.33 3.97 -11.82
CA ILE A 105 -14.19 3.60 -13.23
C ILE A 105 -13.33 2.36 -13.35
N ILE A 106 -12.29 2.30 -12.52
CA ILE A 106 -11.36 1.19 -12.57
C ILE A 106 -11.90 -0.12 -12.03
N LEU A 107 -12.58 -0.08 -10.89
CA LEU A 107 -13.14 -1.28 -10.30
C LEU A 107 -14.25 -1.80 -11.22
N LEU A 108 -15.04 -0.87 -11.76
CA LEU A 108 -16.13 -1.24 -12.65
C LEU A 108 -15.58 -1.92 -13.89
N ALA A 109 -14.49 -1.37 -14.42
CA ALA A 109 -13.84 -1.91 -15.60
C ALA A 109 -13.51 -3.39 -15.42
N PHE A 110 -13.29 -3.80 -14.17
CA PHE A 110 -12.96 -5.19 -13.84
C PHE A 110 -14.18 -6.02 -13.51
N GLY A 111 -15.36 -5.42 -13.63
CA GLY A 111 -16.58 -6.14 -13.35
C GLY A 111 -16.94 -6.18 -11.88
N VAL A 112 -16.37 -5.27 -11.11
CA VAL A 112 -16.63 -5.19 -9.68
C VAL A 112 -18.03 -4.65 -9.45
N GLU A 113 -18.72 -5.20 -8.46
CA GLU A 113 -20.04 -4.73 -8.12
C GLU A 113 -19.81 -3.72 -6.99
N LEU A 114 -19.85 -2.45 -7.36
CA LEU A 114 -19.62 -1.33 -6.46
C LEU A 114 -20.83 -0.91 -5.64
N VAL A 115 -20.61 -0.67 -4.36
CA VAL A 115 -21.66 -0.20 -3.47
C VAL A 115 -21.08 0.98 -2.70
N LEU A 116 -21.60 2.16 -2.99
CA LEU A 116 -21.14 3.36 -2.31
C LEU A 116 -21.92 3.53 -1.02
N THR A 117 -21.27 4.08 0.00
CA THR A 117 -21.92 4.28 1.27
C THR A 117 -21.90 5.76 1.64
N ASP A 118 -22.61 6.11 2.72
CA ASP A 118 -22.69 7.50 3.18
C ASP A 118 -21.29 8.10 3.30
N PRO A 119 -20.97 9.11 2.47
CA PRO A 119 -19.65 9.76 2.49
C PRO A 119 -19.29 10.36 3.85
N ALA A 120 -20.31 10.60 4.66
CA ALA A 120 -20.16 11.19 5.98
C ALA A 120 -19.78 10.15 7.02
N LYS A 121 -19.99 8.88 6.70
CA LYS A 121 -19.67 7.79 7.61
C LYS A 121 -18.31 7.20 7.32
N GLY A 122 -17.62 7.76 6.33
CA GLY A 122 -16.29 7.30 5.95
C GLY A 122 -16.21 5.80 5.76
N MET A 123 -15.09 5.21 6.17
CA MET A 123 -14.90 3.77 6.03
C MET A 123 -15.73 2.99 7.03
N LYS A 124 -16.13 3.66 8.11
CA LYS A 124 -16.96 3.03 9.13
C LYS A 124 -18.29 2.64 8.48
N GLY A 125 -18.82 3.53 7.64
CA GLY A 125 -20.08 3.24 6.98
C GLY A 125 -19.92 2.19 5.92
N ALA A 126 -18.76 2.19 5.28
CA ALA A 126 -18.45 1.23 4.23
C ALA A 126 -18.36 -0.16 4.84
N ILE A 127 -17.73 -0.23 6.01
CA ILE A 127 -17.56 -1.50 6.71
C ILE A 127 -18.89 -2.10 7.13
N ALA A 128 -19.80 -1.24 7.56
CA ALA A 128 -21.12 -1.68 7.98
C ALA A 128 -21.81 -2.31 6.79
N LYS A 129 -22.01 -1.50 5.75
CA LYS A 129 -22.67 -1.95 4.53
C LYS A 129 -22.10 -3.27 4.07
N ALA A 130 -20.78 -3.44 4.22
CA ALA A 130 -20.11 -4.67 3.81
C ALA A 130 -20.58 -5.87 4.60
N GLU A 131 -20.64 -5.74 5.92
CA GLU A 131 -21.08 -6.84 6.75
C GLU A 131 -22.57 -7.08 6.56
N GLU A 132 -23.29 -5.99 6.30
CA GLU A 132 -24.73 -6.08 6.06
C GLU A 132 -24.93 -6.94 4.81
N ILE A 133 -24.09 -6.69 3.82
CA ILE A 133 -24.13 -7.43 2.56
C ILE A 133 -23.70 -8.87 2.78
N LEU A 134 -22.73 -9.05 3.67
CA LEU A 134 -22.22 -10.38 3.98
C LEU A 134 -23.35 -11.21 4.57
N ALA A 135 -24.10 -10.58 5.48
CA ALA A 135 -25.23 -11.22 6.13
C ALA A 135 -26.24 -11.68 5.10
N LYS A 136 -26.55 -10.78 4.16
CA LYS A 136 -27.49 -11.06 3.08
C LYS A 136 -27.03 -12.08 2.06
N THR A 137 -25.74 -12.10 1.77
CA THR A 137 -25.19 -13.01 0.77
C THR A 137 -24.94 -14.43 1.25
N PRO A 138 -25.58 -15.40 0.57
CA PRO A 138 -25.50 -16.85 0.86
C PRO A 138 -24.06 -17.36 0.88
N ASN A 139 -23.35 -17.17 -0.23
CA ASN A 139 -21.97 -17.61 -0.33
C ASN A 139 -21.01 -16.45 -0.13
N GLY A 140 -21.44 -15.45 0.62
CA GLY A 140 -20.60 -14.30 0.86
C GLY A 140 -19.34 -14.64 1.63
N TYR A 141 -18.27 -13.92 1.32
CA TYR A 141 -16.99 -14.12 1.98
C TYR A 141 -16.20 -12.81 2.05
N MET A 142 -16.06 -12.27 3.25
CA MET A 142 -15.33 -11.03 3.43
C MET A 142 -13.87 -11.34 3.71
N LEU A 143 -12.97 -10.64 3.02
CA LEU A 143 -11.55 -10.88 3.15
C LEU A 143 -10.92 -10.30 4.41
N GLN A 144 -11.24 -9.06 4.74
CA GLN A 144 -10.71 -8.43 5.96
C GLN A 144 -9.20 -8.31 5.97
N GLN A 145 -8.66 -7.42 5.15
CA GLN A 145 -7.23 -7.23 5.05
C GLN A 145 -6.52 -6.89 6.34
N PHE A 146 -7.22 -6.31 7.30
CA PHE A 146 -6.57 -5.96 8.57
C PHE A 146 -6.55 -7.14 9.52
N GLU A 147 -7.40 -8.13 9.25
CA GLU A 147 -7.51 -9.32 10.09
C GLU A 147 -6.88 -10.54 9.43
N ASN A 148 -7.05 -10.64 8.11
CA ASN A 148 -6.55 -11.76 7.33
C ASN A 148 -5.05 -12.00 7.41
N PRO A 149 -4.64 -13.21 7.86
CA PRO A 149 -3.23 -13.56 7.98
C PRO A 149 -2.55 -13.76 6.65
N ALA A 150 -3.34 -14.00 5.62
CA ALA A 150 -2.79 -14.22 4.29
C ALA A 150 -2.16 -12.92 3.79
N ASN A 151 -2.50 -11.82 4.45
CA ASN A 151 -1.97 -10.51 4.09
C ASN A 151 -0.46 -10.49 4.38
N PRO A 152 -0.06 -10.55 5.66
CA PRO A 152 1.37 -10.53 5.93
C PRO A 152 2.11 -11.78 5.46
N LYS A 153 1.43 -12.91 5.50
CA LYS A 153 2.03 -14.18 5.09
C LYS A 153 2.57 -14.10 3.67
N ILE A 154 1.91 -13.37 2.78
CA ILE A 154 2.41 -13.28 1.41
C ILE A 154 3.70 -12.46 1.35
N HIS A 155 3.78 -11.43 2.17
CA HIS A 155 4.96 -10.59 2.20
C HIS A 155 6.12 -11.34 2.82
N TYR A 156 5.79 -12.30 3.68
CA TYR A 156 6.82 -13.10 4.32
C TYR A 156 7.34 -14.13 3.33
N GLU A 157 6.48 -14.51 2.39
CA GLU A 157 6.83 -15.51 1.39
C GLU A 157 7.45 -14.93 0.12
N THR A 158 7.04 -13.71 -0.23
CA THR A 158 7.56 -13.12 -1.46
C THR A 158 8.32 -11.82 -1.26
N THR A 159 7.61 -10.77 -0.87
CA THR A 159 8.21 -9.46 -0.66
C THR A 159 9.53 -9.54 0.12
N GLY A 160 9.48 -10.16 1.30
CA GLY A 160 10.66 -10.28 2.12
C GLY A 160 11.80 -10.95 1.38
N PRO A 161 11.59 -12.20 0.94
CA PRO A 161 12.64 -12.93 0.21
C PRO A 161 13.22 -12.10 -0.93
N GLU A 162 12.33 -11.53 -1.74
CA GLU A 162 12.73 -10.69 -2.87
C GLU A 162 13.71 -9.61 -2.45
N ILE A 163 13.42 -8.96 -1.33
CA ILE A 163 14.30 -7.90 -0.83
C ILE A 163 15.63 -8.49 -0.38
N TRP A 164 15.54 -9.54 0.42
CA TRP A 164 16.74 -10.19 0.91
C TRP A 164 17.67 -10.53 -0.26
N LYS A 165 17.15 -11.28 -1.22
CA LYS A 165 17.95 -11.68 -2.37
C LYS A 165 18.32 -10.55 -3.33
N GLY A 166 17.53 -9.49 -3.34
CA GLY A 166 17.82 -8.38 -4.23
C GLY A 166 18.90 -7.45 -3.74
N THR A 167 19.04 -7.38 -2.42
CA THR A 167 20.03 -6.52 -1.79
C THR A 167 21.31 -7.29 -1.50
N GLY A 168 21.32 -8.56 -1.90
CA GLY A 168 22.49 -9.38 -1.64
C GLY A 168 22.63 -9.76 -0.17
N GLY A 169 21.55 -9.56 0.59
CA GLY A 169 21.59 -9.88 2.00
C GLY A 169 22.28 -8.78 2.78
N LYS A 170 22.58 -7.68 2.08
CA LYS A 170 23.27 -6.54 2.67
C LYS A 170 22.37 -5.48 3.29
N ILE A 171 21.06 -5.68 3.22
CA ILE A 171 20.11 -4.72 3.77
C ILE A 171 20.33 -4.51 5.26
N ASP A 172 20.37 -3.25 5.69
CA ASP A 172 20.56 -2.94 7.11
C ASP A 172 19.25 -2.46 7.72
N GLY A 173 18.44 -1.77 6.92
CA GLY A 173 17.17 -1.29 7.42
C GLY A 173 16.06 -1.45 6.40
N PHE A 174 14.83 -1.64 6.89
CA PHE A 174 13.69 -1.81 6.01
C PHE A 174 12.65 -0.77 6.41
N VAL A 175 12.45 0.23 5.55
CA VAL A 175 11.49 1.31 5.82
C VAL A 175 10.16 1.01 5.16
N SER A 176 9.11 0.88 5.97
CA SER A 176 7.78 0.57 5.44
C SER A 176 6.63 1.41 5.98
N GLY A 177 5.84 1.97 5.06
CA GLY A 177 4.69 2.76 5.44
C GLY A 177 3.67 1.77 5.93
N ILE A 178 3.06 2.04 7.07
CA ILE A 178 2.09 1.10 7.64
C ILE A 178 0.62 1.43 7.42
N GLY A 179 -0.03 0.58 6.64
CA GLY A 179 -1.45 0.72 6.35
C GLY A 179 -2.10 -0.40 7.14
N THR A 180 -2.05 -1.62 6.60
CA THR A 180 -2.61 -2.77 7.30
C THR A 180 -1.48 -3.29 8.20
N GLY A 181 -0.25 -3.14 7.73
CA GLY A 181 0.90 -3.62 8.47
C GLY A 181 1.42 -4.92 7.90
N GLY A 182 0.66 -5.49 6.98
CA GLY A 182 1.03 -6.76 6.38
C GLY A 182 2.42 -6.82 5.77
N THR A 183 2.83 -5.72 5.14
CA THR A 183 4.15 -5.65 4.50
C THR A 183 5.30 -5.62 5.49
N ILE A 184 5.25 -4.66 6.39
CA ILE A 184 6.29 -4.48 7.41
C ILE A 184 6.37 -5.70 8.33
N THR A 185 5.22 -6.30 8.62
CA THR A 185 5.11 -7.47 9.50
C THR A 185 5.52 -8.76 8.81
N GLY A 186 5.06 -8.96 7.57
CA GLY A 186 5.42 -10.16 6.85
C GLY A 186 6.87 -10.13 6.40
N ALA A 187 7.20 -9.17 5.54
CA ALA A 187 8.56 -9.02 5.03
C ALA A 187 9.55 -8.80 6.17
N GLY A 188 9.14 -7.96 7.13
CA GLY A 188 9.98 -7.67 8.27
C GLY A 188 10.41 -8.92 8.99
N LYS A 189 9.45 -9.77 9.35
CA LYS A 189 9.72 -11.01 10.06
C LYS A 189 10.74 -11.88 9.34
N TYR A 190 10.61 -11.97 8.02
CA TYR A 190 11.53 -12.80 7.23
C TYR A 190 12.96 -12.24 7.29
N LEU A 191 13.09 -10.97 6.94
CA LEU A 191 14.40 -10.31 6.94
C LEU A 191 15.07 -10.51 8.31
N LYS A 192 14.28 -10.36 9.37
CA LYS A 192 14.77 -10.52 10.74
C LYS A 192 15.31 -11.95 10.93
N GLU A 193 14.64 -12.94 10.34
CA GLU A 193 15.07 -14.33 10.48
C GLU A 193 16.37 -14.57 9.71
N GLN A 194 16.60 -13.78 8.67
CA GLN A 194 17.82 -13.92 7.88
C GLN A 194 18.96 -13.25 8.64
N ASN A 195 18.69 -12.05 9.16
CA ASN A 195 19.67 -11.29 9.92
C ASN A 195 18.93 -10.56 11.04
N ALA A 196 19.22 -10.96 12.27
CA ALA A 196 18.60 -10.36 13.44
C ALA A 196 18.95 -8.90 13.59
N ASN A 197 19.98 -8.46 12.88
CA ASN A 197 20.42 -7.07 12.96
C ASN A 197 19.66 -6.14 12.04
N VAL A 198 18.86 -6.71 11.16
CA VAL A 198 18.09 -5.88 10.24
C VAL A 198 17.04 -5.09 11.02
N LYS A 199 17.16 -3.77 11.00
CA LYS A 199 16.22 -2.90 11.70
C LYS A 199 15.02 -2.60 10.81
N LEU A 200 13.84 -2.61 11.42
CA LEU A 200 12.60 -2.34 10.69
C LEU A 200 12.05 -1.02 11.17
N TYR A 201 11.84 -0.11 10.22
CA TYR A 201 11.33 1.21 10.55
C TYR A 201 9.93 1.38 9.97
N GLY A 202 8.94 1.56 10.85
CA GLY A 202 7.58 1.76 10.39
C GLY A 202 7.35 3.24 10.18
N VAL A 203 6.53 3.59 9.20
CA VAL A 203 6.28 5.00 8.93
C VAL A 203 4.79 5.30 9.06
N GLU A 204 4.47 6.32 9.84
CA GLU A 204 3.08 6.74 10.04
C GLU A 204 2.98 8.25 9.93
N PRO A 205 1.75 8.78 9.78
CA PRO A 205 1.55 10.22 9.65
C PRO A 205 1.75 10.96 10.96
N VAL A 206 2.44 12.08 10.90
CA VAL A 206 2.64 12.88 12.10
C VAL A 206 1.25 13.32 12.56
N GLU A 207 0.28 13.37 11.63
CA GLU A 207 -1.08 13.80 11.94
C GLU A 207 -1.97 12.70 12.51
N SER A 208 -1.47 11.48 12.49
CA SER A 208 -2.20 10.33 13.03
C SER A 208 -1.19 9.30 13.53
N ALA A 209 -0.17 9.77 14.24
CA ALA A 209 0.90 8.93 14.76
C ALA A 209 0.51 8.14 16.00
N ILE A 210 -0.40 7.19 15.84
CA ILE A 210 -0.90 6.39 16.96
C ILE A 210 0.09 5.39 17.56
N LEU A 211 1.02 4.91 16.76
CA LEU A 211 2.02 3.95 17.27
C LEU A 211 3.06 4.67 18.13
N SER A 212 2.99 6.00 18.13
CA SER A 212 3.92 6.82 18.89
C SER A 212 3.19 7.56 20.01
N GLY A 213 2.08 6.98 20.46
CA GLY A 213 1.31 7.59 21.53
C GLY A 213 0.33 8.63 21.03
N GLY A 214 0.40 8.92 19.73
CA GLY A 214 -0.48 9.90 19.14
C GLY A 214 -1.94 9.48 19.05
N LYS A 215 -2.80 10.48 18.92
CA LYS A 215 -4.23 10.24 18.82
C LYS A 215 -4.50 10.23 17.32
N PRO A 216 -5.42 9.34 16.88
CA PRO A 216 -5.76 9.25 15.45
C PRO A 216 -6.39 10.54 14.93
N GLY A 217 -6.14 10.84 13.66
CA GLY A 217 -6.68 12.05 13.07
C GLY A 217 -6.60 11.97 11.55
N PRO A 218 -7.07 13.01 10.85
CA PRO A 218 -7.03 13.01 9.38
C PRO A 218 -5.71 13.48 8.79
N HIS A 219 -5.27 12.78 7.75
CA HIS A 219 -4.04 13.10 7.03
C HIS A 219 -4.32 12.87 5.55
N LYS A 220 -3.38 13.22 4.67
CA LYS A 220 -3.57 13.02 3.24
C LYS A 220 -2.74 11.90 2.64
N ILE A 221 -1.87 11.29 3.44
CA ILE A 221 -1.03 10.21 2.94
C ILE A 221 -1.81 8.93 2.68
N GLN A 222 -2.59 8.91 1.60
CA GLN A 222 -3.38 7.72 1.27
C GLN A 222 -2.56 6.45 1.30
N GLY A 223 -3.13 5.41 1.93
CA GLY A 223 -2.45 4.14 2.00
C GLY A 223 -1.98 3.78 3.39
N ILE A 224 -1.83 4.79 4.24
CA ILE A 224 -1.40 4.56 5.61
C ILE A 224 -2.23 5.38 6.59
N GLY A 225 -1.80 5.39 7.85
CA GLY A 225 -2.52 6.15 8.87
C GLY A 225 -3.98 5.72 9.03
N ALA A 226 -4.20 4.44 9.33
CA ALA A 226 -5.54 3.91 9.50
C ALA A 226 -6.20 4.43 10.78
N GLY A 227 -5.42 5.06 11.65
CA GLY A 227 -5.97 5.59 12.88
C GLY A 227 -6.27 4.52 13.93
N PHE A 228 -5.64 3.36 13.79
CA PHE A 228 -5.82 2.25 14.73
C PHE A 228 -4.81 1.15 14.43
N ILE A 229 -4.45 0.36 15.43
CA ILE A 229 -3.46 -0.69 15.25
C ILE A 229 -4.10 -2.00 14.73
N PRO A 230 -3.90 -2.29 13.42
CA PRO A 230 -4.42 -3.49 12.73
C PRO A 230 -4.03 -4.80 13.41
N SER A 231 -4.84 -5.83 13.25
CA SER A 231 -4.52 -7.12 13.86
C SER A 231 -3.28 -7.74 13.25
N VAL A 232 -3.16 -7.67 11.93
CA VAL A 232 -2.02 -8.24 11.23
C VAL A 232 -0.67 -7.57 11.56
N LEU A 233 -0.71 -6.35 12.08
CA LEU A 233 0.51 -5.64 12.43
C LEU A 233 1.09 -6.26 13.68
N ASN A 234 2.39 -6.49 13.67
CA ASN A 234 3.09 -7.06 14.82
C ASN A 234 4.08 -6.00 15.27
N VAL A 235 3.59 -5.08 16.09
CA VAL A 235 4.38 -3.99 16.63
C VAL A 235 5.70 -4.43 17.29
N ASP A 236 5.77 -5.67 17.74
CA ASP A 236 7.00 -6.13 18.38
C ASP A 236 8.15 -6.21 17.39
N LEU A 237 7.82 -6.37 16.11
CA LEU A 237 8.86 -6.46 15.08
C LEU A 237 9.42 -5.10 14.69
N ILE A 238 8.68 -4.04 15.00
CA ILE A 238 9.10 -2.69 14.65
C ILE A 238 10.19 -2.17 15.57
N ASP A 239 11.32 -1.79 14.97
CA ASP A 239 12.48 -1.27 15.69
C ASP A 239 12.38 0.24 15.94
N GLU A 240 11.64 0.95 15.10
CA GLU A 240 11.47 2.38 15.28
C GLU A 240 10.34 2.87 14.41
N VAL A 241 9.55 3.81 14.94
CA VAL A 241 8.44 4.39 14.18
C VAL A 241 8.83 5.79 13.80
N VAL A 242 8.91 6.02 12.49
CA VAL A 242 9.26 7.31 11.95
C VAL A 242 7.99 8.02 11.54
N GLN A 243 7.89 9.30 11.85
CA GLN A 243 6.72 10.06 11.50
C GLN A 243 7.02 11.03 10.37
N VAL A 244 6.09 11.17 9.45
CA VAL A 244 6.25 12.09 8.33
C VAL A 244 4.95 12.83 8.13
N SER A 245 5.04 14.10 7.74
CA SER A 245 3.85 14.90 7.51
C SER A 245 3.35 14.71 6.10
N SER A 246 2.11 15.13 5.85
CA SER A 246 1.54 15.02 4.51
C SER A 246 2.38 15.90 3.59
N ASP A 247 2.74 17.08 4.06
CA ASP A 247 3.54 17.99 3.26
C ASP A 247 4.90 17.40 2.90
N GLU A 248 5.59 16.80 3.87
CA GLU A 248 6.90 16.20 3.60
C GLU A 248 6.77 15.19 2.47
N SER A 249 5.86 14.24 2.68
CA SER A 249 5.59 13.16 1.75
C SER A 249 5.28 13.69 0.35
N ILE A 250 4.46 14.72 0.29
CA ILE A 250 4.06 15.31 -0.98
C ILE A 250 5.25 15.95 -1.66
N ASP A 251 6.07 16.64 -0.88
CA ASP A 251 7.23 17.27 -1.46
C ASP A 251 8.17 16.21 -1.97
N MET A 252 8.40 15.19 -1.15
CA MET A 252 9.29 14.11 -1.57
C MET A 252 8.77 13.45 -2.83
N ALA A 253 7.50 13.04 -2.81
CA ALA A 253 6.88 12.40 -3.96
C ALA A 253 7.12 13.23 -5.21
N ARG A 254 7.10 14.55 -5.04
CA ARG A 254 7.31 15.46 -6.15
C ARG A 254 8.78 15.52 -6.56
N GLN A 255 9.68 15.38 -5.58
CA GLN A 255 11.10 15.40 -5.89
C GLN A 255 11.47 14.10 -6.57
N LEU A 256 10.85 13.00 -6.15
CA LEU A 256 11.12 11.70 -6.74
C LEU A 256 10.84 11.71 -8.24
N ALA A 257 9.79 12.43 -8.64
CA ALA A 257 9.43 12.50 -10.05
C ALA A 257 10.38 13.44 -10.83
N LEU A 258 10.57 14.65 -10.31
CA LEU A 258 11.41 15.64 -10.97
C LEU A 258 12.90 15.29 -11.03
N LYS A 259 13.45 14.81 -9.92
CA LYS A 259 14.87 14.46 -9.86
C LYS A 259 15.22 13.01 -10.18
N GLU A 260 14.30 12.08 -9.96
CA GLU A 260 14.58 10.67 -10.19
C GLU A 260 13.79 10.06 -11.33
N GLY A 261 12.80 10.77 -11.82
CA GLY A 261 11.98 10.22 -12.89
C GLY A 261 11.09 9.11 -12.34
N LEU A 262 10.79 9.20 -11.05
CA LEU A 262 9.94 8.22 -10.37
C LEU A 262 8.60 8.89 -9.97
N LEU A 263 7.55 8.52 -10.69
CA LEU A 263 6.22 9.08 -10.43
C LEU A 263 5.56 8.18 -9.39
N VAL A 264 5.74 8.52 -8.12
CA VAL A 264 5.22 7.73 -7.01
C VAL A 264 4.02 8.33 -6.29
N GLY A 265 3.31 7.48 -5.55
CA GLY A 265 2.16 7.93 -4.79
C GLY A 265 2.67 8.69 -3.57
N ILE A 266 1.78 9.41 -2.90
CA ILE A 266 2.19 10.19 -1.74
C ILE A 266 2.77 9.31 -0.61
N SER A 267 2.24 8.10 -0.42
CA SER A 267 2.75 7.22 0.63
C SER A 267 4.20 6.79 0.33
N SER A 268 4.58 6.85 -0.94
CA SER A 268 5.94 6.50 -1.33
C SER A 268 6.84 7.67 -0.93
N GLY A 269 6.30 8.88 -1.01
CA GLY A 269 7.06 10.06 -0.61
C GLY A 269 7.31 9.94 0.89
N ALA A 270 6.36 9.33 1.59
CA ALA A 270 6.46 9.13 3.03
C ALA A 270 7.64 8.24 3.36
N ALA A 271 7.66 7.04 2.81
CA ALA A 271 8.75 6.09 3.06
C ALA A 271 10.07 6.67 2.58
N ALA A 272 10.05 7.28 1.40
CA ALA A 272 11.25 7.88 0.82
C ALA A 272 11.82 8.92 1.79
N ALA A 273 10.95 9.78 2.31
CA ALA A 273 11.35 10.82 3.25
C ALA A 273 11.96 10.21 4.50
N ALA A 274 11.27 9.23 5.08
CA ALA A 274 11.75 8.57 6.29
C ALA A 274 13.08 7.87 6.02
N ALA A 275 13.12 7.04 4.97
CA ALA A 275 14.31 6.31 4.60
C ALA A 275 15.52 7.24 4.48
N ILE A 276 15.32 8.38 3.82
CA ILE A 276 16.38 9.35 3.65
C ILE A 276 16.82 9.94 4.97
N LYS A 277 15.88 10.32 5.84
CA LYS A 277 16.25 10.87 7.15
C LYS A 277 17.19 9.89 7.83
N LEU A 278 16.76 8.62 7.90
CA LEU A 278 17.55 7.57 8.52
C LEU A 278 18.92 7.49 7.87
N ALA A 279 18.94 7.49 6.54
CA ALA A 279 20.20 7.41 5.79
C ALA A 279 21.12 8.59 6.05
N GLN A 280 20.57 9.68 6.56
CA GLN A 280 21.38 10.86 6.85
C GLN A 280 21.98 10.86 8.25
N ARG A 281 21.56 9.91 9.09
CA ARG A 281 22.09 9.81 10.44
C ARG A 281 23.50 9.28 10.35
N PRO A 282 24.48 10.09 10.78
CA PRO A 282 25.90 9.73 10.75
C PRO A 282 26.24 8.30 11.13
N GLU A 283 25.64 7.79 12.21
CA GLU A 283 25.92 6.42 12.63
C GLU A 283 25.51 5.39 11.57
N ASN A 284 24.73 5.82 10.58
CA ASN A 284 24.29 4.90 9.54
C ASN A 284 25.06 5.00 8.25
N ALA A 285 26.24 5.61 8.30
CA ALA A 285 27.08 5.73 7.12
C ALA A 285 27.38 4.33 6.61
N GLY A 286 27.23 4.11 5.31
CA GLY A 286 27.49 2.81 4.73
C GLY A 286 26.33 1.83 4.73
N LYS A 287 25.27 2.15 5.46
CA LYS A 287 24.11 1.26 5.54
C LYS A 287 23.14 1.31 4.35
N LEU A 288 22.57 0.15 4.04
CA LEU A 288 21.62 0.04 2.93
C LEU A 288 20.20 0.00 3.48
N PHE A 289 19.40 0.98 3.11
CA PHE A 289 18.02 1.02 3.55
C PHE A 289 17.14 0.77 2.35
N VAL A 290 16.16 -0.11 2.51
CA VAL A 290 15.23 -0.39 1.43
C VAL A 290 13.88 0.11 1.88
N ALA A 291 13.38 1.10 1.14
CA ALA A 291 12.09 1.72 1.41
C ALA A 291 11.13 1.23 0.35
N ILE A 292 9.90 0.93 0.75
CA ILE A 292 8.88 0.45 -0.18
C ILE A 292 8.04 1.55 -0.79
N PHE A 293 7.96 1.55 -2.11
CA PHE A 293 7.14 2.52 -2.85
C PHE A 293 5.89 1.72 -3.26
N PRO A 294 4.87 1.73 -2.39
CA PRO A 294 3.56 1.06 -2.47
C PRO A 294 2.75 1.20 -3.75
N SER A 295 2.78 2.39 -4.36
CA SER A 295 2.01 2.64 -5.57
C SER A 295 2.59 3.67 -6.54
N PHE A 296 2.09 3.63 -7.77
CA PHE A 296 2.50 4.52 -8.84
C PHE A 296 1.66 5.78 -8.72
N GLY A 297 2.29 6.93 -8.93
CA GLY A 297 1.60 8.20 -8.80
C GLY A 297 0.53 8.57 -9.79
N GLU A 298 0.37 7.83 -10.89
CA GLU A 298 -0.64 8.19 -11.88
C GLU A 298 -2.09 7.95 -11.44
N ARG A 299 -2.29 7.08 -10.47
CA ARG A 299 -3.63 6.79 -9.97
C ARG A 299 -4.16 7.91 -9.07
N TYR A 300 -3.27 8.83 -8.70
CA TYR A 300 -3.63 9.91 -7.81
C TYR A 300 -3.62 11.29 -8.45
N LEU A 301 -3.92 11.36 -9.75
CA LEU A 301 -3.91 12.64 -10.46
C LEU A 301 -4.89 13.68 -9.93
N SER A 302 -6.01 13.22 -9.39
CA SER A 302 -7.02 14.12 -8.85
C SER A 302 -6.67 14.61 -7.44
N THR A 303 -5.99 13.76 -6.66
CA THR A 303 -5.62 14.09 -5.30
C THR A 303 -4.72 15.31 -5.14
N VAL A 304 -4.50 15.68 -3.88
CA VAL A 304 -3.69 16.84 -3.51
C VAL A 304 -2.24 16.70 -3.93
N LEU A 305 -1.82 15.49 -4.25
CA LEU A 305 -0.45 15.25 -4.66
C LEU A 305 -0.09 16.06 -5.91
N PHE A 306 -1.10 16.40 -6.71
CA PHE A 306 -0.87 17.15 -7.94
C PHE A 306 -1.61 18.50 -7.99
N ASP A 307 -2.10 18.96 -6.85
CA ASP A 307 -2.82 20.23 -6.84
C ASP A 307 -2.08 21.34 -7.56
N ALA A 308 -0.78 21.45 -7.27
CA ALA A 308 0.04 22.49 -7.88
C ALA A 308 0.09 22.36 -9.41
N THR A 309 0.72 21.30 -9.88
CA THR A 309 0.84 21.06 -11.31
C THR A 309 -0.53 21.03 -11.98
N ARG A 310 -1.53 20.53 -11.27
CA ARG A 310 -2.88 20.43 -11.81
C ARG A 310 -3.52 21.78 -12.10
N LYS A 311 -3.46 22.70 -11.15
CA LYS A 311 -4.03 24.02 -11.35
C LYS A 311 -3.28 24.67 -12.50
N GLU A 312 -1.96 24.44 -12.52
CA GLU A 312 -1.11 25.00 -13.56
C GLU A 312 -1.53 24.49 -14.93
N ALA A 313 -1.89 23.20 -14.99
CA ALA A 313 -2.29 22.57 -16.25
C ALA A 313 -3.61 23.11 -16.77
N GLU A 314 -4.53 23.41 -15.86
CA GLU A 314 -5.83 23.90 -16.27
C GLU A 314 -5.76 25.37 -16.64
N ALA A 315 -4.88 26.10 -15.96
CA ALA A 315 -4.73 27.52 -16.22
C ALA A 315 -3.98 27.85 -17.50
N MET A 316 -3.30 26.88 -18.09
CA MET A 316 -2.55 27.17 -19.31
C MET A 316 -3.36 27.14 -20.61
N THR A 317 -3.17 28.18 -21.42
CA THR A 317 -3.84 28.35 -22.70
C THR A 317 -2.88 27.97 -23.81
N PHE A 318 -3.38 27.91 -25.04
CA PHE A 318 -2.52 27.52 -26.15
C PHE A 318 -1.77 28.67 -26.82
N GLU A 319 -0.58 28.36 -27.33
CA GLU A 319 0.27 29.32 -28.01
C GLU A 319 0.11 29.16 -29.52
N ALA A 320 -0.06 30.27 -30.22
CA ALA A 320 -0.22 30.24 -31.66
C ALA A 320 1.10 30.54 -32.37
N THR B 1 -18.43 12.23 14.58
CA THR B 1 -17.60 11.98 13.36
C THR B 1 -16.13 11.74 13.74
N GLU B 2 -15.74 10.48 13.79
CA GLU B 2 -14.35 10.12 14.06
C GLU B 2 -13.80 9.83 12.67
N TRP B 3 -12.81 10.61 12.23
CA TRP B 3 -12.22 10.41 10.91
C TRP B 3 -11.85 8.95 10.59
N SER B 4 -12.56 8.36 9.64
CA SER B 4 -12.31 6.98 9.23
C SER B 4 -12.21 6.95 7.71
N ASP B 5 -11.81 8.07 7.13
CA ASP B 5 -11.70 8.18 5.69
C ASP B 5 -10.29 7.85 5.18
N TYR B 6 -9.84 6.62 5.43
CA TYR B 6 -8.53 6.19 4.98
C TYR B 6 -8.65 5.44 3.66
N VAL B 7 -7.58 5.44 2.87
CA VAL B 7 -7.59 4.79 1.57
C VAL B 7 -6.61 3.62 1.54
N ILE B 8 -7.10 2.45 1.92
CA ILE B 8 -6.26 1.27 1.95
C ILE B 8 -6.98 0.14 1.22
S SO4 C . -7.20 14.08 -1.46
O1 SO4 C . -8.10 13.08 -2.07
O2 SO4 C . -5.99 14.20 -2.25
O3 SO4 C . -6.84 13.65 -0.10
O4 SO4 C . -7.87 15.41 -1.43
N1 PLP D . 0.58 2.84 0.47
C2 PLP D . -0.46 2.43 -0.34
C2A PLP D . -0.77 3.33 -1.54
C3 PLP D . -1.13 1.26 0.01
O3 PLP D . -2.17 0.90 -0.82
C4 PLP D . -0.80 0.49 1.12
C4A PLP D . -1.58 -0.79 1.46
C5 PLP D . 0.29 0.90 1.96
C6 PLP D . 0.93 2.08 1.59
C5A PLP D . 0.81 0.21 3.22
O4P PLP D . 1.08 -1.19 3.15
P PLP D . 0.63 -2.16 4.29
O1P PLP D . 1.13 -3.48 3.81
O2P PLP D . -0.85 -2.10 4.32
O3P PLP D . 1.24 -1.76 5.55
#